data_9CG2
#
_entry.id   9CG2
#
_cell.length_a   50.882
_cell.length_b   80.454
_cell.length_c   98.431
_cell.angle_alpha   90.00
_cell.angle_beta   90.00
_cell.angle_gamma   90.00
#
_symmetry.space_group_name_H-M   'P 2 21 21'
#
loop_
_entity.id
_entity.type
_entity.pdbx_description
1 polymer 'Elp3/MiaA/NifB-like radical SAM core domain-containing protein'
2 non-polymer 'POTASSIUM ION'
3 non-polymer COBALAMIN
4 non-polymer "5'-DEOXYADENOSINE"
5 non-polymer 'IRON/SULFUR CLUSTER'
6 non-polymer S-ADENOSYL-L-HOMOCYSTEINE
7 water water
#
_entity_poly.entity_id   1
_entity_poly.type   'polypeptide(L)'
_entity_poly.pdbx_seq_one_letter_code
;HMYELTEDFKLRKITKYELDGVDEREDLLVIPPSSKAGPCGNGCLFCYLLQNPPEMIYRVARHDTLNDPTLEERIRYARK
HYDLWIRVTDTSGNVKFDENRIKSLYEAGLDEIQISVHTTKKDVRIKLMRNRHAGKLIDLLPLVAKHFRTIADIILTPGF
NVDDIGEIIEDLDSMGVHEVRLFPVGVTKYNRFEIRPLTKEELSYVKEVALEKDKELGIKVVIPPIFLALLGEFTTGLEP
FNIEPEFPTYIFTGELAYPEMKRLFPRIKVVMVKNEFFGGNIGTAGLLTGRDVLREVERLPEVDFGLILLPELMFYGDMT
LDGWRRQDLFSKILIEKGYIVETALEPTEIPKVIEKIS
;
_entity_poly.pdbx_strand_id   A
#
loop_
_chem_comp.id
_chem_comp.type
_chem_comp.name
_chem_comp.formula
5AD non-polymer 5'-DEOXYADENOSINE 'C10 H13 N5 O3'
B12 non-polymer COBALAMIN 'C62 H89 Co N13 O14 P 2'
K non-polymer 'POTASSIUM ION' 'K 1'
SAH non-polymer S-ADENOSYL-L-HOMOCYSTEINE 'C14 H20 N6 O5 S'
SF4 non-polymer 'IRON/SULFUR CLUSTER' 'Fe4 S4'
#
# COMPACT_ATOMS: atom_id res chain seq x y z
N HIS A 1 0.57 -6.31 13.41
CA HIS A 1 -0.17 -7.22 14.27
C HIS A 1 -1.68 -7.01 14.18
N MET A 2 -2.29 -7.56 13.13
CA MET A 2 -3.70 -7.36 12.85
C MET A 2 -4.25 -8.65 12.27
N TYR A 3 -5.52 -8.63 11.93
CA TYR A 3 -6.19 -9.83 11.45
C TYR A 3 -7.08 -9.50 10.27
N GLU A 4 -7.30 -10.49 9.42
CA GLU A 4 -8.35 -10.41 8.42
C GLU A 4 -9.19 -11.67 8.49
N LEU A 5 -10.44 -11.55 8.04
CA LEU A 5 -11.34 -12.67 7.97
C LEU A 5 -11.09 -13.46 6.69
N THR A 6 -11.01 -14.78 6.79
CA THR A 6 -10.79 -15.65 5.65
C THR A 6 -12.12 -16.00 4.99
N GLU A 7 -12.02 -16.65 3.82
CA GLU A 7 -13.22 -17.06 3.10
C GLU A 7 -14.10 -17.99 3.93
N ASP A 8 -13.49 -18.83 4.76
CA ASP A 8 -14.22 -19.75 5.61
C ASP A 8 -14.42 -19.19 7.03
N PHE A 9 -14.47 -17.86 7.16
CA PHE A 9 -14.89 -17.18 8.39
C PHE A 9 -13.91 -17.42 9.55
N LYS A 10 -12.64 -17.66 9.25
CA LYS A 10 -11.62 -17.80 10.27
C LYS A 10 -10.74 -16.56 10.30
N LEU A 11 -9.97 -16.41 11.38
CA LEU A 11 -9.02 -15.31 11.49
C LEU A 11 -7.69 -15.68 10.87
N ARG A 12 -7.03 -14.67 10.29
CA ARG A 12 -5.70 -14.83 9.71
C ARG A 12 -4.91 -13.59 10.06
N LYS A 13 -3.80 -13.78 10.79
CA LYS A 13 -2.91 -12.66 11.11
C LYS A 13 -2.33 -12.07 9.84
N ILE A 14 -2.25 -10.74 9.80
CA ILE A 14 -1.65 -10.00 8.70
C ILE A 14 -0.73 -8.93 9.27
N THR A 15 0.02 -8.31 8.37
CA THR A 15 0.92 -7.21 8.70
C THR A 15 0.53 -5.98 7.89
N LYS A 16 1.08 -4.84 8.28
CA LYS A 16 0.84 -3.61 7.53
C LYS A 16 1.36 -3.69 6.11
N TYR A 17 2.25 -4.65 5.82
CA TYR A 17 2.74 -4.82 4.46
C TYR A 17 1.70 -5.41 3.52
N GLU A 18 0.60 -5.96 4.05
CA GLU A 18 -0.50 -6.39 3.20
C GLU A 18 -1.61 -5.33 3.11
N LEU A 19 -1.44 -4.21 3.80
CA LEU A 19 -2.36 -3.08 3.71
C LEU A 19 -1.59 -1.88 3.19
N ASP A 20 -1.91 -0.69 3.69
CA ASP A 20 -1.31 0.55 3.18
C ASP A 20 -0.09 1.00 3.98
N GLY A 21 0.41 0.17 4.89
CA GLY A 21 1.64 0.46 5.59
C GLY A 21 1.50 1.26 6.88
N VAL A 22 0.31 1.81 7.14
CA VAL A 22 0.08 2.63 8.32
C VAL A 22 -0.02 1.73 9.56
N ASP A 23 0.59 2.17 10.66
CA ASP A 23 0.47 1.46 11.94
C ASP A 23 -0.96 1.55 12.47
N GLU A 24 -1.50 0.42 12.90
CA GLU A 24 -2.91 0.33 13.30
C GLU A 24 -3.05 -0.24 14.70
N ARG A 25 -4.24 -0.06 15.28
CA ARG A 25 -4.53 -0.68 16.56
C ARG A 25 -4.47 -2.21 16.43
N GLU A 26 -4.06 -2.87 17.51
CA GLU A 26 -3.76 -4.30 17.44
C GLU A 26 -5.00 -5.18 17.45
N ASP A 27 -6.17 -4.65 17.81
CA ASP A 27 -7.42 -5.37 17.67
C ASP A 27 -8.10 -5.15 16.32
N LEU A 28 -7.38 -4.66 15.31
CA LEU A 28 -8.00 -4.43 14.01
C LEU A 28 -8.30 -5.73 13.29
N LEU A 29 -9.53 -5.87 12.79
CA LEU A 29 -9.93 -6.99 11.92
C LEU A 29 -10.49 -6.45 10.62
N VAL A 30 -9.84 -6.77 9.51
CA VAL A 30 -10.24 -6.32 8.18
C VAL A 30 -11.16 -7.37 7.56
N ILE A 31 -12.31 -6.93 7.05
CA ILE A 31 -13.22 -7.85 6.36
C ILE A 31 -13.00 -7.69 4.86
N PRO A 32 -12.18 -8.53 4.24
CA PRO A 32 -11.85 -8.33 2.83
C PRO A 32 -12.98 -8.82 1.95
N PRO A 33 -12.97 -8.50 0.66
CA PRO A 33 -14.00 -9.05 -0.23
C PRO A 33 -13.86 -10.56 -0.33
N SER A 34 -15.00 -11.26 -0.35
CA SER A 34 -14.99 -12.70 -0.52
C SER A 34 -14.93 -13.03 -2.01
N SER A 35 -15.08 -14.31 -2.35
CA SER A 35 -15.12 -14.70 -3.76
C SER A 35 -16.43 -14.29 -4.42
N LYS A 36 -17.48 -14.03 -3.62
CA LYS A 36 -18.78 -13.59 -4.13
C LYS A 36 -18.81 -12.11 -4.49
N ALA A 37 -17.66 -11.42 -4.44
CA ALA A 37 -17.62 -9.97 -4.64
C ALA A 37 -17.36 -9.63 -6.11
N GLY A 38 -18.07 -8.61 -6.59
CA GLY A 38 -17.92 -8.15 -7.95
C GLY A 38 -16.97 -6.97 -8.07
N PRO A 39 -16.99 -6.31 -9.22
CA PRO A 39 -16.01 -5.25 -9.47
C PRO A 39 -16.41 -3.90 -8.89
N CYS A 40 -15.47 -2.95 -9.02
CA CYS A 40 -15.61 -1.62 -8.45
C CYS A 40 -16.52 -0.70 -9.26
N GLY A 41 -16.77 -1.02 -10.53
CA GLY A 41 -17.59 -0.15 -11.37
C GLY A 41 -16.94 1.15 -11.79
N ASN A 42 -15.63 1.30 -11.63
CA ASN A 42 -14.93 2.52 -12.02
C ASN A 42 -13.91 2.23 -13.11
N GLY A 43 -13.37 3.30 -13.67
CA GLY A 43 -12.20 3.23 -14.49
C GLY A 43 -11.28 4.39 -14.13
N CYS A 44 -10.76 4.37 -12.90
CA CYS A 44 -9.92 5.46 -12.42
C CYS A 44 -8.73 5.66 -13.34
N LEU A 45 -8.45 6.93 -13.64
CA LEU A 45 -7.38 7.25 -14.60
C LEU A 45 -6.02 6.78 -14.12
N PHE A 46 -5.79 6.76 -12.79
CA PHE A 46 -4.53 6.27 -12.25
C PHE A 46 -4.53 4.78 -11.98
N CYS A 47 -5.59 4.05 -12.35
CA CYS A 47 -5.72 2.67 -11.94
C CYS A 47 -4.47 1.87 -12.28
N TYR A 48 -3.83 1.32 -11.25
CA TYR A 48 -2.59 0.58 -11.48
C TYR A 48 -2.80 -0.56 -12.47
N LEU A 49 -4.01 -1.15 -12.50
CA LEU A 49 -4.28 -2.25 -13.42
C LEU A 49 -4.11 -1.86 -14.87
N LEU A 50 -4.20 -0.57 -15.19
CA LEU A 50 -4.18 -0.06 -16.54
C LEU A 50 -2.81 0.46 -16.97
N GLN A 51 -1.80 0.38 -16.10
CA GLN A 51 -0.47 0.89 -16.43
C GLN A 51 0.63 -0.13 -16.12
N ASN A 52 0.30 -1.43 -16.07
CA ASN A 52 1.31 -2.47 -15.99
C ASN A 52 2.02 -2.65 -17.33
N PRO A 53 3.24 -3.18 -17.31
CA PRO A 53 3.92 -3.46 -18.58
C PRO A 53 3.12 -4.44 -19.41
N PRO A 54 3.22 -4.34 -20.74
CA PRO A 54 2.30 -5.11 -21.62
C PRO A 54 2.40 -6.60 -21.45
N GLU A 55 3.56 -7.11 -21.05
CA GLU A 55 3.74 -8.54 -20.89
C GLU A 55 4.03 -8.85 -19.43
N MET A 56 3.12 -8.41 -18.55
CA MET A 56 3.14 -8.81 -17.15
C MET A 56 1.98 -9.76 -16.90
N ILE A 57 2.25 -10.82 -16.14
CA ILE A 57 1.22 -11.81 -15.83
C ILE A 57 0.15 -11.14 -14.96
N TYR A 58 -1.11 -11.22 -15.40
CA TYR A 58 -2.21 -10.58 -14.70
C TYR A 58 -2.35 -11.16 -13.29
N ARG A 59 -2.71 -10.28 -12.34
CA ARG A 59 -2.70 -10.64 -10.92
C ARG A 59 -4.14 -10.72 -10.42
N VAL A 60 -4.63 -9.72 -9.71
CA VAL A 60 -5.91 -9.80 -9.01
C VAL A 60 -6.97 -9.06 -9.80
N ALA A 61 -8.24 -9.27 -9.42
CA ALA A 61 -9.37 -8.65 -10.11
C ALA A 61 -9.62 -7.24 -9.55
N ARG A 62 -10.73 -6.64 -9.96
CA ARG A 62 -11.10 -5.28 -9.53
C ARG A 62 -12.11 -5.33 -8.39
N HIS A 63 -11.72 -6.04 -7.33
CA HIS A 63 -12.60 -6.32 -6.19
C HIS A 63 -13.01 -5.05 -5.44
N ASP A 64 -14.30 -4.93 -5.13
CA ASP A 64 -14.82 -3.89 -4.25
C ASP A 64 -15.57 -4.59 -3.13
N THR A 65 -15.13 -4.36 -1.88
CA THR A 65 -15.67 -5.11 -0.75
C THR A 65 -17.18 -4.99 -0.67
N LEU A 66 -17.73 -3.80 -0.95
CA LEU A 66 -19.17 -3.61 -0.86
C LEU A 66 -19.93 -4.39 -1.92
N ASN A 67 -19.25 -4.86 -2.97
CA ASN A 67 -19.96 -5.59 -4.01
C ASN A 67 -20.08 -7.07 -3.67
N ASP A 68 -20.08 -7.39 -2.38
CA ASP A 68 -20.26 -8.74 -1.88
C ASP A 68 -21.56 -8.78 -1.07
N PRO A 69 -22.60 -9.51 -1.51
CA PRO A 69 -23.85 -9.49 -0.74
C PRO A 69 -23.76 -10.22 0.60
N THR A 70 -22.74 -11.04 0.82
CA THR A 70 -22.52 -11.73 2.09
C THR A 70 -21.76 -10.89 3.10
N LEU A 71 -21.51 -9.61 2.82
CA LEU A 71 -20.67 -8.79 3.69
C LEU A 71 -21.26 -8.70 5.09
N GLU A 72 -22.55 -8.35 5.18
CA GLU A 72 -23.21 -8.22 6.48
C GLU A 72 -23.09 -9.50 7.28
N GLU A 73 -23.37 -10.64 6.65
CA GLU A 73 -23.24 -11.93 7.33
C GLU A 73 -21.82 -12.16 7.84
N ARG A 74 -20.81 -11.74 7.07
CA ARG A 74 -19.45 -11.91 7.53
C ARG A 74 -19.14 -10.95 8.69
N ILE A 75 -19.69 -9.74 8.63
CA ILE A 75 -19.51 -8.79 9.73
C ILE A 75 -20.20 -9.30 10.99
N ARG A 76 -21.42 -9.82 10.85
N ARG A 76 -21.42 -9.81 10.86
CA ARG A 76 -22.14 -10.31 12.03
CA ARG A 76 -22.15 -10.31 12.02
C ARG A 76 -21.45 -11.52 12.64
C ARG A 76 -21.42 -11.50 12.64
N TYR A 77 -20.85 -12.36 11.81
CA TYR A 77 -20.12 -13.52 12.34
C TYR A 77 -18.89 -13.05 13.11
N ALA A 78 -18.16 -12.10 12.55
CA ALA A 78 -16.94 -11.60 13.19
C ALA A 78 -17.26 -10.88 14.50
N ARG A 79 -18.35 -10.13 14.54
CA ARG A 79 -18.73 -9.45 15.77
C ARG A 79 -19.04 -10.45 16.88
N LYS A 80 -19.76 -11.52 16.55
CA LYS A 80 -20.19 -12.47 17.56
C LYS A 80 -19.03 -13.33 18.05
N HIS A 81 -18.16 -13.78 17.15
CA HIS A 81 -17.17 -14.78 17.50
C HIS A 81 -15.80 -14.22 17.86
N TYR A 82 -15.49 -12.97 17.50
CA TYR A 82 -14.16 -12.43 17.77
C TYR A 82 -14.23 -11.10 18.50
N ASP A 83 -15.28 -10.32 18.26
CA ASP A 83 -15.48 -9.01 18.88
C ASP A 83 -14.22 -8.14 18.80
N LEU A 84 -13.61 -8.10 17.63
CA LEU A 84 -12.47 -7.24 17.35
C LEU A 84 -13.00 -5.91 16.80
N TRP A 85 -12.10 -5.02 16.37
CA TRP A 85 -12.50 -3.75 15.78
C TRP A 85 -12.58 -3.96 14.26
N ILE A 86 -13.80 -3.96 13.73
CA ILE A 86 -14.08 -4.44 12.38
C ILE A 86 -14.02 -3.27 11.41
N ARG A 87 -13.14 -3.36 10.41
CA ARG A 87 -13.05 -2.36 9.35
C ARG A 87 -13.36 -2.99 7.99
N VAL A 88 -14.09 -2.25 7.15
CA VAL A 88 -14.21 -2.55 5.74
C VAL A 88 -13.32 -1.57 4.98
N THR A 89 -12.49 -2.07 4.06
CA THR A 89 -11.70 -1.19 3.22
C THR A 89 -11.88 -1.62 1.76
N ASP A 90 -10.96 -1.19 0.90
CA ASP A 90 -10.97 -1.57 -0.52
C ASP A 90 -12.34 -1.33 -1.15
N THR A 91 -12.85 -0.10 -1.03
CA THR A 91 -14.12 0.28 -1.64
C THR A 91 -14.06 1.74 -2.05
N SER A 92 -14.72 2.07 -3.16
CA SER A 92 -14.89 3.45 -3.59
C SER A 92 -16.28 3.97 -3.27
N GLY A 93 -17.14 3.12 -2.75
CA GLY A 93 -18.46 3.60 -2.39
C GLY A 93 -19.37 3.88 -3.55
N ASN A 94 -18.99 3.50 -4.77
CA ASN A 94 -19.80 3.76 -5.96
C ASN A 94 -20.73 2.63 -6.34
N VAL A 95 -20.59 1.45 -5.73
CA VAL A 95 -21.44 0.32 -6.08
C VAL A 95 -22.04 -0.28 -4.81
N LYS A 96 -23.34 -0.56 -4.87
CA LYS A 96 -24.06 -1.24 -3.80
C LYS A 96 -23.90 -0.48 -2.48
N PHE A 97 -23.99 0.84 -2.55
CA PHE A 97 -23.76 1.68 -1.37
C PHE A 97 -24.76 2.82 -1.41
N ASP A 98 -25.68 2.83 -0.44
CA ASP A 98 -26.67 3.89 -0.28
C ASP A 98 -27.08 3.91 1.19
N GLU A 99 -28.03 4.78 1.53
CA GLU A 99 -28.54 4.91 2.90
C GLU A 99 -28.95 3.56 3.49
N ASN A 100 -29.67 2.75 2.71
CA ASN A 100 -30.08 1.43 3.21
C ASN A 100 -28.88 0.55 3.54
N ARG A 101 -27.84 0.60 2.71
CA ARG A 101 -26.67 -0.24 2.98
C ARG A 101 -25.91 0.26 4.20
N ILE A 102 -25.88 1.58 4.41
CA ILE A 102 -25.24 2.11 5.60
C ILE A 102 -25.94 1.60 6.86
N LYS A 103 -27.28 1.60 6.85
CA LYS A 103 -28.02 1.06 7.98
C LYS A 103 -27.69 -0.43 8.21
N SER A 104 -27.70 -1.22 7.14
CA SER A 104 -27.52 -2.66 7.30
C SER A 104 -26.11 -2.98 7.81
N LEU A 105 -25.12 -2.25 7.33
CA LEU A 105 -23.76 -2.47 7.79
C LEU A 105 -23.60 -2.07 9.25
N TYR A 106 -24.24 -0.97 9.65
CA TYR A 106 -24.21 -0.54 11.04
C TYR A 106 -24.85 -1.57 11.96
N GLU A 107 -26.04 -2.05 11.61
CA GLU A 107 -26.72 -3.04 12.44
C GLU A 107 -25.94 -4.36 12.49
N ALA A 108 -25.17 -4.66 11.44
CA ALA A 108 -24.40 -5.90 11.43
C ALA A 108 -23.24 -5.85 12.41
N GLY A 109 -22.75 -4.65 12.73
CA GLY A 109 -21.67 -4.50 13.68
C GLY A 109 -20.40 -3.84 13.16
N LEU A 110 -20.43 -3.19 11.99
CA LEU A 110 -19.22 -2.59 11.43
C LEU A 110 -18.80 -1.35 12.23
N ASP A 111 -17.52 -1.27 12.57
CA ASP A 111 -16.97 -0.17 13.37
C ASP A 111 -16.38 0.94 12.51
N GLU A 112 -15.82 0.61 11.36
CA GLU A 112 -14.97 1.55 10.63
C GLU A 112 -15.05 1.21 9.15
N ILE A 113 -14.99 2.24 8.31
CA ILE A 113 -14.97 2.04 6.86
C ILE A 113 -13.94 2.97 6.26
N GLN A 114 -13.18 2.44 5.31
CA GLN A 114 -12.10 3.18 4.64
C GLN A 114 -12.43 3.25 3.16
N ILE A 115 -12.73 4.45 2.67
CA ILE A 115 -13.29 4.67 1.35
C ILE A 115 -12.28 5.47 0.52
N SER A 116 -12.12 5.06 -0.74
CA SER A 116 -11.36 5.83 -1.72
C SER A 116 -12.19 7.01 -2.21
N VAL A 117 -11.98 8.17 -1.60
CA VAL A 117 -12.79 9.36 -1.88
C VAL A 117 -12.16 10.24 -2.96
N HIS A 118 -10.87 10.53 -2.81
CA HIS A 118 -10.05 11.32 -3.74
C HIS A 118 -10.37 12.81 -3.74
N THR A 119 -11.64 13.17 -3.84
CA THR A 119 -11.98 14.59 -3.80
C THR A 119 -13.45 14.73 -3.43
N THR A 120 -13.79 15.89 -2.85
CA THR A 120 -15.17 16.21 -2.55
C THR A 120 -15.83 17.05 -3.63
N LYS A 121 -15.12 17.36 -4.73
CA LYS A 121 -15.71 18.07 -5.87
C LYS A 121 -16.31 17.02 -6.80
N LYS A 122 -17.63 17.10 -7.01
CA LYS A 122 -18.34 16.01 -7.67
C LYS A 122 -17.88 15.85 -9.12
N ASP A 123 -17.78 16.96 -9.86
CA ASP A 123 -17.42 16.90 -11.27
C ASP A 123 -16.01 16.35 -11.45
N VAL A 124 -15.09 16.72 -10.56
CA VAL A 124 -13.73 16.18 -10.61
C VAL A 124 -13.73 14.69 -10.32
N ARG A 125 -14.51 14.26 -9.32
CA ARG A 125 -14.54 12.84 -8.98
C ARG A 125 -15.12 12.01 -10.13
N ILE A 126 -16.12 12.55 -10.82
CA ILE A 126 -16.67 11.89 -12.01
C ILE A 126 -15.58 11.68 -13.06
N LYS A 127 -14.79 12.71 -13.37
CA LYS A 127 -13.77 12.58 -14.40
C LYS A 127 -12.63 11.68 -13.95
N LEU A 128 -12.21 11.82 -12.69
CA LEU A 128 -11.05 11.08 -12.20
C LEU A 128 -11.35 9.60 -12.11
N MET A 129 -12.58 9.24 -11.76
CA MET A 129 -12.95 7.84 -11.66
C MET A 129 -13.67 7.32 -12.90
N ARG A 130 -13.84 8.15 -13.94
CA ARG A 130 -14.67 7.84 -15.13
C ARG A 130 -15.97 7.13 -14.76
N ASN A 131 -16.73 7.77 -13.89
CA ASN A 131 -17.97 7.20 -13.36
C ASN A 131 -18.92 8.36 -13.14
N ARG A 132 -19.97 8.45 -13.97
CA ARG A 132 -20.83 9.61 -13.95
C ARG A 132 -21.67 9.72 -12.69
N HIS A 133 -21.73 8.65 -11.89
CA HIS A 133 -22.45 8.67 -10.62
C HIS A 133 -21.52 8.85 -9.42
N ALA A 134 -20.25 9.20 -9.63
CA ALA A 134 -19.31 9.28 -8.50
C ALA A 134 -19.66 10.37 -7.50
N GLY A 135 -20.58 11.28 -7.84
CA GLY A 135 -20.96 12.31 -6.88
C GLY A 135 -21.87 11.82 -5.76
N LYS A 136 -22.54 10.68 -5.95
CA LYS A 136 -23.45 10.18 -4.91
C LYS A 136 -22.71 9.87 -3.61
N LEU A 137 -21.52 9.26 -3.70
CA LEU A 137 -20.76 8.93 -2.50
C LEU A 137 -20.47 10.18 -1.67
N ILE A 138 -20.13 11.28 -2.34
CA ILE A 138 -19.85 12.54 -1.64
C ILE A 138 -21.07 12.99 -0.85
N ASP A 139 -22.26 12.88 -1.43
CA ASP A 139 -23.49 13.19 -0.70
C ASP A 139 -23.72 12.26 0.49
N LEU A 140 -23.25 11.01 0.41
CA LEU A 140 -23.48 10.08 1.51
C LEU A 140 -22.52 10.25 2.67
N LEU A 141 -21.35 10.88 2.46
CA LEU A 141 -20.33 10.86 3.51
C LEU A 141 -20.79 11.37 4.87
N PRO A 142 -21.57 12.46 4.98
CA PRO A 142 -22.05 12.86 6.32
C PRO A 142 -22.80 11.75 7.03
N LEU A 143 -23.66 11.04 6.31
CA LEU A 143 -24.39 9.93 6.90
C LEU A 143 -23.47 8.76 7.21
N VAL A 144 -22.50 8.48 6.32
CA VAL A 144 -21.50 7.45 6.61
C VAL A 144 -20.79 7.76 7.92
N ALA A 145 -20.33 9.00 8.09
CA ALA A 145 -19.54 9.32 9.27
C ALA A 145 -20.37 9.31 10.55
N LYS A 146 -21.70 9.45 10.46
CA LYS A 146 -22.55 9.32 11.64
C LYS A 146 -22.62 7.89 12.15
N HIS A 147 -22.39 6.91 11.27
CA HIS A 147 -22.55 5.51 11.61
C HIS A 147 -21.25 4.79 11.91
N PHE A 148 -20.13 5.18 11.29
CA PHE A 148 -18.87 4.48 11.45
C PHE A 148 -17.75 5.49 11.59
N ARG A 149 -16.68 5.07 12.24
CA ARG A 149 -15.45 5.84 12.06
C ARG A 149 -15.05 5.72 10.60
N THR A 150 -14.81 6.86 9.96
CA THR A 150 -14.68 6.94 8.53
C THR A 150 -13.29 7.48 8.18
N ILE A 151 -12.58 6.72 7.37
CA ILE A 151 -11.27 7.06 6.86
C ILE A 151 -11.44 7.33 5.38
N ALA A 152 -11.10 8.53 4.93
CA ALA A 152 -11.12 8.85 3.50
C ALA A 152 -9.72 8.72 2.93
N ASP A 153 -9.53 7.86 1.95
CA ASP A 153 -8.29 7.80 1.20
C ASP A 153 -8.35 8.78 0.04
N ILE A 154 -7.24 9.46 -0.19
CA ILE A 154 -7.10 10.40 -1.29
C ILE A 154 -5.85 9.99 -2.08
N ILE A 155 -6.03 9.63 -3.35
CA ILE A 155 -4.91 9.44 -4.26
C ILE A 155 -4.68 10.80 -4.93
N LEU A 156 -3.57 11.46 -4.56
CA LEU A 156 -3.25 12.79 -5.06
C LEU A 156 -2.79 12.70 -6.50
N THR A 157 -3.53 13.36 -7.40
CA THR A 157 -3.30 13.25 -8.84
C THR A 157 -3.21 14.66 -9.43
N PRO A 158 -2.05 15.07 -9.95
CA PRO A 158 -1.91 16.45 -10.45
C PRO A 158 -2.97 16.77 -11.51
N GLY A 159 -3.50 17.99 -11.44
CA GLY A 159 -4.60 18.41 -12.29
C GLY A 159 -5.98 18.10 -11.73
N PHE A 160 -6.08 17.32 -10.67
CA PHE A 160 -7.40 16.96 -10.14
C PHE A 160 -7.60 17.37 -8.70
N ASN A 161 -6.65 17.04 -7.82
CA ASN A 161 -6.90 17.26 -6.40
C ASN A 161 -5.66 17.64 -5.62
N VAL A 162 -4.63 18.15 -6.28
CA VAL A 162 -3.42 18.57 -5.58
C VAL A 162 -3.52 20.02 -5.11
N ASP A 163 -3.84 20.93 -6.04
CA ASP A 163 -3.85 22.36 -5.73
C ASP A 163 -4.92 22.72 -4.70
N ASP A 164 -6.04 22.01 -4.68
CA ASP A 164 -7.11 22.31 -3.75
C ASP A 164 -7.19 21.27 -2.63
N ILE A 165 -6.07 20.63 -2.29
CA ILE A 165 -6.14 19.59 -1.25
C ILE A 165 -6.61 20.19 0.09
N GLY A 166 -6.24 21.44 0.38
CA GLY A 166 -6.69 22.05 1.62
C GLY A 166 -8.21 22.17 1.70
N GLU A 167 -8.83 22.61 0.60
CA GLU A 167 -10.29 22.70 0.56
C GLU A 167 -10.94 21.34 0.71
N ILE A 168 -10.32 20.29 0.14
CA ILE A 168 -10.88 18.95 0.25
C ILE A 168 -10.85 18.48 1.71
N ILE A 169 -9.73 18.71 2.40
CA ILE A 169 -9.64 18.31 3.79
C ILE A 169 -10.68 19.05 4.63
N GLU A 170 -10.86 20.36 4.38
CA GLU A 170 -11.87 21.14 5.12
C GLU A 170 -13.28 20.58 4.88
N ASP A 171 -13.60 20.25 3.63
CA ASP A 171 -14.89 19.63 3.30
C ASP A 171 -15.08 18.33 4.08
N LEU A 172 -14.08 17.45 4.05
CA LEU A 172 -14.17 16.19 4.79
C LEU A 172 -14.37 16.44 6.28
N ASP A 173 -13.66 17.42 6.85
CA ASP A 173 -13.85 17.69 8.27
C ASP A 173 -15.27 18.16 8.56
N SER A 174 -15.82 19.05 7.71
CA SER A 174 -17.17 19.55 7.92
C SER A 174 -18.23 18.46 7.72
N MET A 175 -17.92 17.41 6.97
CA MET A 175 -18.78 16.23 6.86
C MET A 175 -18.69 15.32 8.08
N GLY A 176 -17.78 15.59 9.02
CA GLY A 176 -17.54 14.72 10.17
C GLY A 176 -16.64 13.51 9.91
N VAL A 177 -15.98 13.43 8.75
CA VAL A 177 -15.03 12.35 8.50
C VAL A 177 -13.91 12.40 9.51
N HIS A 178 -13.51 11.24 10.03
CA HIS A 178 -12.61 11.17 11.18
C HIS A 178 -11.13 11.15 10.80
N GLU A 179 -10.80 10.77 9.57
CA GLU A 179 -9.40 10.60 9.21
C GLU A 179 -9.29 10.71 7.70
N VAL A 180 -8.20 11.32 7.23
CA VAL A 180 -7.91 11.37 5.81
C VAL A 180 -6.46 10.91 5.61
N ARG A 181 -6.24 10.01 4.66
CA ARG A 181 -4.92 9.49 4.33
C ARG A 181 -4.55 9.94 2.91
N LEU A 182 -3.36 10.54 2.77
CA LEU A 182 -2.94 11.21 1.53
C LEU A 182 -1.91 10.34 0.81
N PHE A 183 -2.27 9.80 -0.35
CA PHE A 183 -1.38 8.93 -1.13
C PHE A 183 -0.98 9.59 -2.45
N PRO A 184 0.26 10.05 -2.61
CA PRO A 184 0.70 10.54 -3.92
C PRO A 184 0.59 9.45 -4.98
N VAL A 185 0.14 9.84 -6.17
CA VAL A 185 -0.14 8.85 -7.19
C VAL A 185 1.16 8.16 -7.62
N GLY A 186 1.07 6.85 -7.87
CA GLY A 186 2.17 6.10 -8.39
C GLY A 186 1.97 5.94 -9.89
N VAL A 187 3.00 6.29 -10.66
CA VAL A 187 2.90 6.31 -12.11
C VAL A 187 4.03 5.45 -12.68
N THR A 188 3.69 4.50 -13.53
CA THR A 188 4.69 3.73 -14.26
C THR A 188 5.04 4.45 -15.56
N LYS A 189 6.00 3.89 -16.30
CA LYS A 189 6.28 4.41 -17.63
C LYS A 189 5.26 3.93 -18.67
N TYR A 190 4.20 3.24 -18.24
CA TYR A 190 3.17 2.75 -19.16
C TYR A 190 1.81 3.38 -18.90
N ASN A 191 1.75 4.54 -18.24
CA ASN A 191 0.44 5.13 -18.00
C ASN A 191 -0.11 5.72 -19.29
N ARG A 192 -1.39 5.52 -19.52
CA ARG A 192 -2.02 5.85 -20.80
C ARG A 192 -2.91 7.07 -20.73
N PHE A 193 -3.05 7.71 -19.57
CA PHE A 193 -4.01 8.79 -19.40
C PHE A 193 -3.33 10.13 -19.06
N GLU A 194 -2.03 10.24 -19.33
CA GLU A 194 -1.28 11.48 -19.10
C GLU A 194 -1.30 11.86 -17.62
N ILE A 195 -1.46 10.87 -16.74
CA ILE A 195 -1.20 11.05 -15.32
C ILE A 195 0.30 11.22 -15.13
N ARG A 196 0.68 12.14 -14.24
CA ARG A 196 2.08 12.37 -13.94
C ARG A 196 2.29 12.36 -12.43
N PRO A 197 3.48 12.00 -11.96
CA PRO A 197 3.74 12.07 -10.52
C PRO A 197 3.75 13.51 -10.03
N LEU A 198 3.47 13.66 -8.74
CA LEU A 198 3.69 14.94 -8.09
C LEU A 198 5.16 15.28 -8.16
N THR A 199 5.45 16.52 -8.53
CA THR A 199 6.83 16.99 -8.43
C THR A 199 7.28 17.06 -6.98
N LYS A 200 8.59 17.24 -6.82
CA LYS A 200 9.14 17.44 -5.49
C LYS A 200 8.49 18.66 -4.81
N GLU A 201 8.20 19.72 -5.58
CA GLU A 201 7.58 20.91 -5.01
C GLU A 201 6.13 20.64 -4.64
N GLU A 202 5.41 19.88 -5.47
CA GLU A 202 4.03 19.53 -5.15
C GLU A 202 3.95 18.64 -3.91
N LEU A 203 4.85 17.66 -3.78
CA LEU A 203 4.86 16.83 -2.57
C LEU A 203 5.04 17.69 -1.32
N SER A 204 6.00 18.62 -1.36
CA SER A 204 6.23 19.49 -0.21
C SER A 204 5.04 20.39 0.06
N TYR A 205 4.42 20.91 -1.00
CA TYR A 205 3.25 21.77 -0.83
C TYR A 205 2.13 21.02 -0.12
N VAL A 206 1.80 19.83 -0.62
CA VAL A 206 0.76 19.03 0.02
C VAL A 206 1.13 18.71 1.45
N LYS A 207 2.40 18.32 1.70
CA LYS A 207 2.84 18.02 3.05
C LYS A 207 2.58 19.19 3.99
N GLU A 208 2.95 20.40 3.57
CA GLU A 208 2.75 21.58 4.41
C GLU A 208 1.27 21.88 4.62
N VAL A 209 0.44 21.69 3.59
CA VAL A 209 -0.99 21.94 3.79
C VAL A 209 -1.56 20.92 4.77
N ALA A 210 -1.09 19.68 4.67
CA ALA A 210 -1.62 18.64 5.54
C ALA A 210 -1.22 18.89 6.99
N LEU A 211 0.01 19.34 7.23
CA LEU A 211 0.44 19.67 8.59
C LEU A 211 -0.35 20.85 9.14
N GLU A 212 -0.65 21.84 8.29
CA GLU A 212 -1.44 22.99 8.75
C GLU A 212 -2.86 22.58 9.11
N LYS A 213 -3.51 21.76 8.27
CA LYS A 213 -4.87 21.33 8.57
C LYS A 213 -4.93 20.43 9.80
N ASP A 214 -3.91 19.59 10.00
CA ASP A 214 -3.93 18.67 11.13
C ASP A 214 -3.85 19.40 12.47
N LYS A 215 -3.22 20.58 12.55
CA LYS A 215 -3.20 21.35 13.79
C LYS A 215 -4.38 22.31 13.92
N GLU A 216 -5.27 22.36 12.94
CA GLU A 216 -6.46 23.21 12.99
C GLU A 216 -7.74 22.42 13.16
N LEU A 217 -7.91 21.36 12.39
CA LEU A 217 -9.17 20.63 12.29
C LEU A 217 -9.12 19.36 13.13
N GLY A 218 -10.29 18.95 13.61
CA GLY A 218 -10.36 17.71 14.37
C GLY A 218 -10.04 16.45 13.57
N ILE A 219 -10.26 16.48 12.24
CA ILE A 219 -9.96 15.33 11.39
C ILE A 219 -8.48 14.97 11.50
N LYS A 220 -8.19 13.66 11.58
CA LYS A 220 -6.80 13.19 11.64
C LYS A 220 -6.22 13.14 10.24
N VAL A 221 -5.22 13.97 9.96
CA VAL A 221 -4.61 14.07 8.63
C VAL A 221 -3.36 13.22 8.63
N VAL A 222 -3.35 12.19 7.80
CA VAL A 222 -2.30 11.18 7.84
C VAL A 222 -1.43 11.30 6.60
N ILE A 223 -0.12 11.44 6.82
CA ILE A 223 0.90 11.37 5.79
C ILE A 223 1.54 9.99 5.89
N PRO A 224 1.14 9.05 5.03
CA PRO A 224 1.50 7.63 5.23
C PRO A 224 2.92 7.34 4.81
N PRO A 225 3.41 6.10 5.01
CA PRO A 225 4.83 5.81 4.71
C PRO A 225 5.22 6.06 3.27
N ILE A 226 4.36 5.73 2.30
CA ILE A 226 4.74 5.95 0.90
C ILE A 226 4.95 7.44 0.64
N PHE A 227 4.12 8.30 1.26
CA PHE A 227 4.28 9.74 1.08
C PHE A 227 5.58 10.21 1.71
N LEU A 228 5.85 9.81 2.95
CA LEU A 228 7.11 10.22 3.57
C LEU A 228 8.30 9.72 2.76
N ALA A 229 8.20 8.51 2.23
CA ALA A 229 9.30 7.97 1.42
C ALA A 229 9.51 8.82 0.18
N LEU A 230 8.42 9.21 -0.51
CA LEU A 230 8.54 10.06 -1.69
C LEU A 230 9.14 11.42 -1.37
N LEU A 231 8.91 11.91 -0.14
CA LEU A 231 9.52 13.15 0.36
C LEU A 231 10.97 12.98 0.80
N GLY A 232 11.46 11.75 0.91
CA GLY A 232 12.80 11.53 1.45
C GLY A 232 12.86 11.67 2.95
N GLU A 233 11.74 11.39 3.63
CA GLU A 233 11.63 11.61 5.07
C GLU A 233 11.09 10.37 5.79
N PHE A 234 11.20 9.20 5.17
CA PHE A 234 10.72 7.98 5.80
C PHE A 234 11.68 7.51 6.89
N THR A 235 11.12 7.08 8.01
CA THR A 235 11.94 6.49 9.07
C THR A 235 11.13 5.44 9.78
N THR A 236 11.82 4.37 10.20
CA THR A 236 11.20 3.37 11.05
C THR A 236 11.20 3.78 12.51
N GLY A 237 11.97 4.82 12.87
CA GLY A 237 12.14 5.20 14.25
C GLY A 237 13.01 4.28 15.05
N LEU A 238 13.63 3.29 14.42
CA LEU A 238 14.44 2.31 15.14
C LEU A 238 15.86 2.81 15.32
N GLU A 239 16.49 2.36 16.39
CA GLU A 239 17.91 2.60 16.55
C GLU A 239 18.68 1.78 15.52
N PRO A 240 19.77 2.32 14.97
CA PRO A 240 20.57 1.55 14.01
C PRO A 240 21.05 0.24 14.60
N PHE A 241 21.10 -0.79 13.75
CA PHE A 241 21.58 -2.10 14.14
C PHE A 241 23.10 -2.19 13.95
N ASN A 242 23.81 -2.64 14.97
CA ASN A 242 25.26 -2.67 14.89
C ASN A 242 25.80 -4.02 14.39
N ILE A 243 24.96 -4.83 13.73
CA ILE A 243 25.42 -6.11 13.20
C ILE A 243 26.57 -5.88 12.24
N GLU A 244 27.65 -6.64 12.40
CA GLU A 244 28.84 -6.49 11.57
C GLU A 244 29.21 -7.84 11.00
N PRO A 245 28.79 -8.15 9.78
CA PRO A 245 29.03 -9.49 9.24
C PRO A 245 30.49 -9.71 8.92
N GLU A 246 30.91 -10.96 9.03
CA GLU A 246 32.29 -11.33 8.73
C GLU A 246 32.52 -11.55 7.25
N PHE A 247 31.49 -11.90 6.50
CA PHE A 247 31.60 -12.22 5.09
C PHE A 247 30.87 -11.22 4.22
N PRO A 248 31.22 -11.13 2.92
CA PRO A 248 30.52 -10.18 2.03
C PRO A 248 29.01 -10.30 2.15
N THR A 249 28.35 -9.20 2.52
CA THR A 249 26.93 -9.18 2.80
C THR A 249 26.33 -7.94 2.16
N TYR A 250 25.21 -8.13 1.46
CA TYR A 250 24.53 -7.06 0.76
C TYR A 250 23.05 -7.10 1.12
N ILE A 251 22.48 -5.93 1.41
CA ILE A 251 21.03 -5.75 1.54
C ILE A 251 20.56 -5.02 0.29
N PHE A 252 19.72 -5.68 -0.52
CA PHE A 252 19.12 -5.08 -1.69
C PHE A 252 17.79 -4.46 -1.28
N THR A 253 17.57 -3.21 -1.67
CA THR A 253 16.31 -2.54 -1.38
C THR A 253 15.94 -1.68 -2.58
N GLY A 254 14.74 -1.12 -2.56
CA GLY A 254 14.33 -0.22 -3.59
C GLY A 254 14.79 1.20 -3.35
N GLU A 255 14.42 2.07 -4.28
CA GLU A 255 14.86 3.46 -4.22
C GLU A 255 14.26 4.19 -3.02
N LEU A 256 13.00 3.88 -2.68
CA LEU A 256 12.30 4.61 -1.64
C LEU A 256 12.80 4.28 -0.24
N ALA A 257 13.15 3.02 0.02
CA ALA A 257 13.59 2.60 1.35
C ALA A 257 15.10 2.67 1.53
N TYR A 258 15.86 2.92 0.46
CA TYR A 258 17.32 2.94 0.55
C TYR A 258 17.88 3.88 1.61
N PRO A 259 17.48 5.16 1.72
CA PRO A 259 18.03 5.99 2.80
C PRO A 259 17.80 5.42 4.20
N GLU A 260 16.62 4.88 4.48
CA GLU A 260 16.40 4.37 5.83
C GLU A 260 17.16 3.07 6.07
N MET A 261 17.21 2.19 5.07
CA MET A 261 17.93 0.93 5.22
C MET A 261 19.43 1.17 5.38
N LYS A 262 19.97 2.13 4.64
CA LYS A 262 21.37 2.50 4.80
C LYS A 262 21.65 2.99 6.21
N ARG A 263 20.73 3.76 6.79
CA ARG A 263 20.89 4.25 8.15
C ARG A 263 20.74 3.14 9.18
N LEU A 264 19.84 2.18 8.94
CA LEU A 264 19.60 1.12 9.92
C LEU A 264 20.73 0.11 9.99
N PHE A 265 21.50 -0.06 8.92
CA PHE A 265 22.54 -1.09 8.86
C PHE A 265 23.87 -0.47 8.47
N PRO A 266 24.49 0.30 9.38
CA PRO A 266 25.71 1.04 9.04
C PRO A 266 26.93 0.20 8.69
N ARG A 267 26.99 -1.11 8.96
CA ARG A 267 28.19 -1.87 8.62
C ARG A 267 27.93 -2.85 7.50
N ILE A 268 26.79 -2.72 6.84
CA ILE A 268 26.43 -3.60 5.74
C ILE A 268 26.25 -2.74 4.50
N LYS A 269 26.73 -3.23 3.38
CA LYS A 269 26.51 -2.53 2.12
C LYS A 269 25.05 -2.69 1.71
N VAL A 270 24.34 -1.57 1.63
CA VAL A 270 22.97 -1.53 1.14
C VAL A 270 23.01 -1.12 -0.33
N VAL A 271 22.35 -1.88 -1.18
CA VAL A 271 22.37 -1.67 -2.62
C VAL A 271 21.00 -1.15 -3.06
N MET A 272 20.97 0.04 -3.66
CA MET A 272 19.71 0.56 -4.23
C MET A 272 19.43 -0.07 -5.58
N VAL A 273 18.27 -0.71 -5.71
CA VAL A 273 17.85 -1.29 -6.98
C VAL A 273 16.79 -0.37 -7.58
N LYS A 274 17.17 0.38 -8.61
CA LYS A 274 16.22 1.16 -9.38
C LYS A 274 15.28 0.25 -10.17
N ASN A 275 14.01 0.67 -10.27
CA ASN A 275 12.96 -0.14 -10.89
C ASN A 275 12.81 0.30 -12.35
N GLU A 276 13.56 -0.36 -13.23
CA GLU A 276 13.40 -0.10 -14.65
C GLU A 276 12.29 -0.91 -15.28
N PHE A 277 11.83 -1.98 -14.61
CA PHE A 277 10.70 -2.74 -15.17
C PHE A 277 9.43 -1.89 -15.19
N PHE A 278 9.17 -1.17 -14.09
CA PHE A 278 7.99 -0.30 -13.99
C PHE A 278 8.29 1.15 -14.37
N GLY A 279 9.49 1.63 -14.09
CA GLY A 279 9.84 3.02 -14.38
C GLY A 279 8.96 3.99 -13.61
N GLY A 280 8.81 5.19 -14.18
CA GLY A 280 7.99 6.22 -13.55
C GLY A 280 8.53 6.61 -12.18
N ASN A 281 7.65 6.71 -11.19
CA ASN A 281 8.08 6.96 -9.82
C ASN A 281 7.92 5.73 -8.94
N ILE A 282 7.87 4.54 -9.55
CA ILE A 282 7.80 3.31 -8.77
C ILE A 282 9.15 3.11 -8.07
N GLY A 283 9.11 2.97 -6.76
CA GLY A 283 10.36 2.78 -6.04
C GLY A 283 10.23 1.94 -4.77
N THR A 284 9.06 1.35 -4.56
CA THR A 284 8.87 0.62 -3.32
C THR A 284 9.43 -0.80 -3.45
N ALA A 285 9.87 -1.36 -2.31
CA ALA A 285 10.69 -2.57 -2.38
C ALA A 285 9.87 -3.80 -2.72
N GLY A 286 8.58 -3.80 -2.38
CA GLY A 286 7.70 -4.87 -2.80
C GLY A 286 7.47 -4.95 -4.30
N LEU A 287 7.91 -3.96 -5.08
CA LEU A 287 7.77 -4.01 -6.52
C LEU A 287 9.09 -4.29 -7.23
N LEU A 288 10.16 -4.59 -6.50
CA LEU A 288 11.38 -5.04 -7.13
C LEU A 288 11.10 -6.29 -7.97
N THR A 289 11.90 -6.43 -9.03
CA THR A 289 11.75 -7.50 -10.02
C THR A 289 13.02 -8.33 -10.11
N GLY A 290 12.88 -9.53 -10.70
CA GLY A 290 14.05 -10.38 -10.92
C GLY A 290 15.10 -9.72 -11.80
N ARG A 291 14.66 -9.07 -12.89
CA ARG A 291 15.62 -8.47 -13.82
C ARG A 291 16.35 -7.29 -13.19
N ASP A 292 15.66 -6.49 -12.37
CA ASP A 292 16.34 -5.35 -11.75
C ASP A 292 17.35 -5.85 -10.72
N VAL A 293 16.96 -6.87 -9.94
CA VAL A 293 17.89 -7.47 -8.99
C VAL A 293 19.11 -8.04 -9.70
N LEU A 294 18.89 -8.73 -10.84
CA LEU A 294 20.00 -9.36 -11.56
C LEU A 294 20.94 -8.31 -12.14
N ARG A 295 20.42 -7.16 -12.54
CA ARG A 295 21.29 -6.07 -12.99
C ARG A 295 22.26 -5.66 -11.89
N GLU A 296 21.76 -5.53 -10.65
CA GLU A 296 22.68 -5.11 -9.59
C GLU A 296 23.59 -6.25 -9.14
N VAL A 297 23.09 -7.49 -9.16
CA VAL A 297 23.96 -8.63 -8.91
C VAL A 297 25.14 -8.64 -9.87
N GLU A 298 24.90 -8.32 -11.14
CA GLU A 298 25.96 -8.39 -12.15
C GLU A 298 27.15 -7.52 -11.77
N ARG A 299 26.91 -6.44 -11.02
CA ARG A 299 27.97 -5.52 -10.64
C ARG A 299 28.79 -5.98 -9.45
N LEU A 300 28.32 -7.02 -8.72
CA LEU A 300 29.01 -7.49 -7.53
C LEU A 300 30.21 -8.38 -7.91
N PRO A 301 31.24 -8.42 -7.05
CA PRO A 301 32.34 -9.36 -7.26
C PRO A 301 31.90 -10.80 -7.02
N GLU A 302 32.59 -11.73 -7.66
CA GLU A 302 32.37 -13.13 -7.34
C GLU A 302 32.96 -13.42 -5.96
N VAL A 303 32.35 -14.37 -5.25
CA VAL A 303 32.80 -14.70 -3.91
C VAL A 303 32.86 -16.21 -3.74
N ASP A 304 33.75 -16.65 -2.85
CA ASP A 304 33.71 -18.02 -2.36
C ASP A 304 32.58 -18.23 -1.36
N PHE A 305 32.20 -17.17 -0.65
CA PHE A 305 31.05 -17.21 0.26
C PHE A 305 30.54 -15.80 0.42
N GLY A 306 29.22 -15.62 0.31
CA GLY A 306 28.66 -14.30 0.51
C GLY A 306 27.15 -14.39 0.60
N LEU A 307 26.55 -13.33 1.12
CA LEU A 307 25.12 -13.33 1.39
C LEU A 307 24.47 -12.10 0.77
N ILE A 308 23.39 -12.31 0.04
CA ILE A 308 22.56 -11.22 -0.46
C ILE A 308 21.20 -11.33 0.22
N LEU A 309 20.71 -10.23 0.78
CA LEU A 309 19.39 -10.23 1.40
C LEU A 309 18.43 -9.50 0.48
N LEU A 310 17.27 -10.10 0.25
CA LEU A 310 16.25 -9.48 -0.58
C LEU A 310 14.98 -9.30 0.23
N PRO A 311 14.16 -8.30 -0.10
CA PRO A 311 12.88 -8.13 0.62
C PRO A 311 11.92 -9.23 0.20
N GLU A 312 11.43 -9.99 1.19
CA GLU A 312 10.45 -11.05 0.92
C GLU A 312 9.21 -10.52 0.22
N LEU A 313 8.91 -9.24 0.39
CA LEU A 313 7.69 -8.65 -0.14
C LEU A 313 7.65 -8.66 -1.68
N MET A 314 8.81 -8.77 -2.33
CA MET A 314 8.82 -8.81 -3.81
C MET A 314 8.40 -10.16 -4.38
N PHE A 315 8.20 -11.19 -3.56
CA PHE A 315 7.73 -12.48 -4.05
C PHE A 315 6.26 -12.68 -3.71
N TYR A 316 5.51 -13.20 -4.68
CA TYR A 316 4.12 -13.61 -4.52
C TYR A 316 4.09 -15.13 -4.68
N GLY A 317 3.98 -15.84 -3.57
CA GLY A 317 4.33 -17.25 -3.58
C GLY A 317 5.82 -17.34 -3.86
N ASP A 318 6.19 -18.02 -4.95
CA ASP A 318 7.59 -18.10 -5.34
C ASP A 318 7.83 -17.40 -6.69
N MET A 319 7.01 -16.41 -7.01
CA MET A 319 7.07 -15.72 -8.30
C MET A 319 7.40 -14.26 -8.08
N THR A 320 8.20 -13.68 -8.97
CA THR A 320 8.35 -12.23 -9.07
C THR A 320 7.35 -11.67 -10.07
N LEU A 321 7.16 -10.35 -10.01
CA LEU A 321 6.19 -9.68 -10.87
C LEU A 321 6.57 -9.74 -12.35
N ASP A 322 7.86 -9.90 -12.66
CA ASP A 322 8.33 -9.96 -14.04
C ASP A 322 8.59 -11.40 -14.49
N GLY A 323 8.06 -12.38 -13.77
CA GLY A 323 7.97 -13.73 -14.30
C GLY A 323 9.09 -14.70 -13.92
N TRP A 324 9.84 -14.43 -12.85
CA TRP A 324 10.90 -15.31 -12.38
C TRP A 324 10.41 -16.18 -11.23
N ARG A 325 10.80 -17.44 -11.24
CA ARG A 325 10.62 -18.29 -10.08
C ARG A 325 11.76 -18.05 -9.09
N ARG A 326 11.41 -17.98 -7.80
CA ARG A 326 12.39 -17.71 -6.75
C ARG A 326 13.61 -18.63 -6.86
N GLN A 327 13.39 -19.93 -7.02
CA GLN A 327 14.52 -20.87 -7.04
C GLN A 327 15.42 -20.67 -8.27
N ASP A 328 14.85 -20.20 -9.38
CA ASP A 328 15.65 -19.95 -10.59
C ASP A 328 16.48 -18.69 -10.44
N LEU A 329 15.90 -17.67 -9.80
CA LEU A 329 16.67 -16.46 -9.51
C LEU A 329 17.84 -16.77 -8.57
N PHE A 330 17.58 -17.55 -7.52
CA PHE A 330 18.60 -17.84 -6.50
C PHE A 330 19.69 -18.74 -7.06
N SER A 331 19.32 -19.74 -7.87
CA SER A 331 20.32 -20.64 -8.43
CA SER A 331 20.31 -20.65 -8.45
C SER A 331 21.22 -19.91 -9.42
N LYS A 332 20.66 -19.01 -10.23
CA LYS A 332 21.49 -18.26 -11.19
C LYS A 332 22.51 -17.42 -10.45
N ILE A 333 22.10 -16.80 -9.35
CA ILE A 333 23.00 -15.99 -8.54
C ILE A 333 24.08 -16.86 -7.91
N LEU A 334 23.70 -17.99 -7.32
CA LEU A 334 24.69 -18.89 -6.71
C LEU A 334 25.73 -19.33 -7.74
N ILE A 335 25.27 -19.83 -8.90
CA ILE A 335 26.20 -20.37 -9.89
C ILE A 335 27.08 -19.27 -10.48
N GLU A 336 26.50 -18.13 -10.83
CA GLU A 336 27.26 -17.12 -11.55
C GLU A 336 28.16 -16.28 -10.65
N LYS A 337 27.75 -16.01 -9.39
CA LYS A 337 28.52 -15.11 -8.53
C LYS A 337 28.93 -15.71 -7.20
N GLY A 338 28.30 -16.79 -6.76
CA GLY A 338 28.68 -17.49 -5.55
C GLY A 338 27.87 -17.14 -4.31
N TYR A 339 26.99 -16.13 -4.38
CA TYR A 339 26.23 -15.68 -3.22
C TYR A 339 25.07 -16.60 -2.90
N ILE A 340 24.85 -16.83 -1.61
CA ILE A 340 23.58 -17.34 -1.10
C ILE A 340 22.60 -16.17 -1.02
N VAL A 341 21.35 -16.39 -1.40
CA VAL A 341 20.30 -15.39 -1.25
C VAL A 341 19.34 -15.83 -0.15
N GLU A 342 19.04 -14.92 0.78
CA GLU A 342 18.01 -15.10 1.79
C GLU A 342 17.03 -13.93 1.71
N THR A 343 15.83 -14.14 2.24
CA THR A 343 14.83 -13.08 2.27
C THR A 343 14.28 -12.91 3.69
N ALA A 344 13.72 -11.74 3.95
CA ALA A 344 12.98 -11.46 5.18
C ALA A 344 12.00 -10.33 4.93
N LEU A 345 11.01 -10.21 5.81
CA LEU A 345 9.96 -9.21 5.62
C LEU A 345 10.36 -7.85 6.21
N GLU A 346 10.67 -7.81 7.50
CA GLU A 346 10.91 -6.57 8.20
C GLU A 346 12.40 -6.35 8.44
N PRO A 347 12.83 -5.08 8.55
CA PRO A 347 14.25 -4.82 8.88
C PRO A 347 14.73 -5.48 10.16
N THR A 348 13.88 -5.57 11.19
CA THR A 348 14.31 -6.16 12.44
C THR A 348 14.61 -7.65 12.31
N GLU A 349 14.21 -8.31 11.22
CA GLU A 349 14.56 -9.72 11.03
C GLU A 349 15.97 -9.90 10.46
N ILE A 350 16.61 -8.85 9.98
CA ILE A 350 17.86 -9.01 9.22
C ILE A 350 19.00 -9.47 10.13
N PRO A 351 19.21 -8.87 11.31
CA PRO A 351 20.31 -9.36 12.16
C PRO A 351 20.24 -10.85 12.43
N LYS A 352 19.04 -11.40 12.65
CA LYS A 352 18.96 -12.83 12.97
C LYS A 352 19.20 -13.69 11.73
N VAL A 353 18.87 -13.19 10.53
CA VAL A 353 19.21 -13.88 9.30
C VAL A 353 20.72 -13.95 9.14
N ILE A 354 21.38 -12.80 9.28
CA ILE A 354 22.83 -12.76 9.14
C ILE A 354 23.49 -13.65 10.18
N GLU A 355 23.00 -13.61 11.41
CA GLU A 355 23.63 -14.39 12.48
C GLU A 355 23.57 -15.89 12.19
N LYS A 356 22.51 -16.34 11.51
CA LYS A 356 22.36 -17.77 11.26
C LYS A 356 23.27 -18.25 10.13
N ILE A 357 23.43 -17.43 9.09
CA ILE A 357 24.36 -17.77 8.01
C ILE A 357 25.80 -17.60 8.45
N SER A 358 26.05 -16.90 9.56
CA SER A 358 27.41 -16.59 10.00
C SER A 358 27.95 -17.64 10.98
K K B . -6.20 16.95 13.60
CO B12 C . 1.71 -1.89 -4.90
N21 B12 C . 2.13 -3.61 -4.28
N22 B12 C . 1.41 -2.59 -6.67
N23 B12 C . 1.55 -0.04 -5.40
N24 B12 C . 1.94 -1.40 -3.09
C1 B12 C . 2.70 -3.72 -2.95
C20 B12 C . 4.18 -3.35 -3.03
C2 B12 C . 2.40 -5.23 -2.54
C25 B12 C . 3.50 -5.86 -1.66
C26 B12 C . 1.01 -5.37 -1.84
C27 B12 C . 0.75 -6.77 -1.26
O28 B12 C . 0.47 -7.70 -2.03
N29 B12 C . 0.85 -6.93 0.05
C3 B12 C . 2.28 -5.94 -3.94
C30 B12 C . 3.54 -6.64 -4.46
C31 B12 C . 3.52 -8.17 -4.28
C32 B12 C . 4.36 -8.94 -5.27
O34 B12 C . 3.88 -9.86 -5.93
N33 B12 C . 5.63 -8.56 -5.37
C4 B12 C . 1.89 -4.78 -4.82
C5 B12 C . 1.28 -4.94 -6.16
C35 B12 C . 0.85 -6.36 -6.42
C6 B12 C . 1.17 -3.91 -7.05
C7 B12 C . 0.71 -3.98 -8.51
C36 B12 C . 1.45 -5.05 -9.34
C37 B12 C . -0.83 -4.22 -8.53
C38 B12 C . -1.27 -4.65 -9.94
O39 B12 C . -1.05 -3.91 -10.90
N40 B12 C . -1.89 -5.81 -10.04
C8 B12 C . 1.02 -2.54 -9.04
C41 B12 C . 2.28 -2.44 -9.90
C42 B12 C . 2.60 -1.04 -10.44
C43 B12 C . 1.45 -0.37 -11.15
O44 B12 C . 1.08 0.78 -10.83
N45 B12 C . 0.87 -1.06 -12.12
C9 B12 C . 1.16 -1.79 -7.73
C10 B12 C . 0.96 -0.40 -7.71
C11 B12 C . 1.10 0.40 -6.57
C12 B12 C . 0.83 1.88 -6.56
C46 B12 C . -0.62 2.07 -6.10
C47 B12 C . 1.02 2.59 -7.91
C13 B12 C . 1.80 2.34 -5.42
C48 B12 C . 3.22 2.62 -5.96
C49 B12 C . 4.23 3.07 -4.90
C50 B12 C . 5.55 3.48 -5.50
O51 B12 C . 6.48 2.68 -5.58
N52 B12 C . 5.63 4.72 -5.93
C14 B12 C . 1.78 1.06 -4.56
C15 B12 C . 1.87 1.05 -3.19
C53 B12 C . 1.88 2.36 -2.47
C16 B12 C . 1.95 -0.27 -2.44
C17 B12 C . 1.97 -0.48 -0.93
C54 B12 C . 0.47 -0.43 -0.54
C55 B12 C . 2.77 0.44 0.02
C56 B12 C . 4.23 0.67 -0.36
C57 B12 C . 4.88 1.52 0.71
O58 B12 C . 4.23 1.93 1.69
N59 B12 C . 6.16 1.79 0.56
C18 B12 C . 2.55 -1.91 -0.86
C60 B12 C . 2.23 -2.74 0.40
C61 B12 C . 3.03 -2.32 1.62
O63 B12 C . 4.26 -2.29 1.60
N62 B12 C . 2.32 -2.00 2.69
C19 B12 C . 1.98 -2.55 -2.14
C1P B12 C . 6.96 2.49 1.55
C2P B12 C . 8.41 1.91 1.58
C3P B12 C . 9.25 2.57 2.65
O3 B12 C . 8.34 0.53 1.87
O4 B12 C . 10.11 0.04 0.07
O5 B12 C . 8.53 -1.79 0.91
P B12 C . 9.34 -0.52 1.20
O2 B12 C . 10.27 -0.95 2.45
C3R B12 C . 9.92 -1.65 3.63
C2R B12 C . 9.93 -3.19 3.56
O7R B12 C . 9.91 -3.71 2.24
C1R B12 C . 11.24 -3.55 4.27
O6R B12 C . 11.43 -2.54 5.24
C4R B12 C . 10.96 -1.30 4.70
C5R B12 C . 10.47 -0.40 5.82
O8R B12 C . 9.21 -0.81 6.30
N1B B12 C . 12.43 -3.63 3.42
C8B B12 C . 13.36 -4.65 3.46
C2B B12 C . 12.82 -2.81 2.39
N3B B12 C . 13.90 -3.20 1.78
C9B B12 C . 14.26 -4.38 2.43
C4B B12 C . 15.32 -5.25 2.20
C5B B12 C . 15.47 -6.39 2.99
C5M B12 C . 16.64 -7.31 2.71
C6B B12 C . 14.55 -6.66 4.03
C6M B12 C . 14.70 -7.89 4.87
C7B B12 C . 13.49 -5.78 4.25
N1 5AD D . -2.73 2.51 -2.18
C2 5AD D . -2.33 1.67 -3.15
N3 5AD D . -2.33 0.34 -3.15
C4 5AD D . -2.78 -0.15 -1.99
N9 5AD D . -2.92 -1.48 -1.65
C8 5AD D . -3.40 -1.47 -0.36
N7 5AD D . -3.61 -0.27 0.13
C5 5AD D . -3.22 0.58 -0.90
C6 5AD D . -3.20 1.98 -1.02
N6 5AD D . -3.64 2.82 -0.09
C1' 5AD D . -2.66 -2.64 -2.50
C2' 5AD D . -3.51 -2.67 -3.78
C3' 5AD D . -2.57 -3.28 -4.84
C4' 5AD D . -1.16 -3.04 -4.27
C5' 5AD D . -0.31 -2.04 -5.02
O4' 5AD D . -1.31 -2.58 -2.91
O2' 5AD D . -4.68 -3.47 -3.55
O3' 5AD D . -2.83 -4.68 -5.02
FE1 SF4 E . -10.30 2.67 -9.47
FE2 SF4 E . -9.38 0.78 -7.71
FE3 SF4 E . -8.72 0.61 -10.36
FE4 SF4 E . -11.32 0.13 -9.53
S1 SF4 E . -9.45 -1.08 -9.02
S2 SF4 E . -10.66 1.39 -11.32
S3 SF4 E . -11.50 1.64 -7.83
S4 SF4 E . -8.13 2.28 -8.91
N SAH F . -10.74 -1.67 -5.87
CA SAH F . -10.93 -1.06 -4.54
CB SAH F . -9.60 -0.63 -3.90
CG SAH F . -8.52 -1.71 -3.87
SD SAH F . -7.02 -1.25 -2.97
C SAH F . -11.86 0.16 -4.63
O SAH F . -11.50 1.28 -4.33
OXT SAH F . -13.04 -0.15 -5.06
C5' SAH F . -6.15 -0.21 -4.18
C4' SAH F . -5.98 1.18 -3.58
O4' SAH F . -4.91 1.86 -4.29
C3' SAH F . -7.20 2.06 -3.77
O3' SAH F . -7.27 3.01 -2.70
C2' SAH F . -6.91 2.74 -5.10
O2' SAH F . -7.67 3.93 -5.28
C1' SAH F . -5.42 3.02 -4.93
N9 SAH F . -4.67 3.23 -6.17
C8 SAH F . -4.99 2.76 -7.41
N7 SAH F . -4.15 3.13 -8.35
C5 SAH F . -3.22 3.89 -7.68
C6 SAH F . -2.08 4.61 -8.11
N6 SAH F . -1.66 4.63 -9.38
N1 SAH F . -1.39 5.31 -7.18
C2 SAH F . -1.81 5.29 -5.92
N3 SAH F . -2.84 4.64 -5.39
C4 SAH F . -3.52 3.97 -6.32
#